data_3NHB
#
_entry.id   3NHB
#
_cell.length_a   56.180
_cell.length_b   70.810
_cell.length_c   70.690
_cell.angle_alpha   90.00
_cell.angle_beta   90.00
_cell.angle_gamma   90.00
#
_symmetry.space_group_name_H-M   'P 21 21 21'
#
loop_
_entity.id
_entity.type
_entity.pdbx_description
1 polymer 'ATP-binding cassette sub-family B member 6, mitochondrial'
2 non-polymer "ADENOSINE-5'-DIPHOSPHATE"
3 non-polymer BETA-MERCAPTOETHANOL
4 non-polymer 'PHOSPHATE ION'
5 water water
#
_entity_poly.entity_id   1
_entity_poly.type   'polypeptide(L)'
_entity_poly.pdbx_seq_one_letter_code
;MGSSHHHHHHSSGLVPRGSHMFIDMENMFDLLKEETEVKDLPGAGPLRFQKGRIEFENVHFSYADGRETLQDVSFTVMPG
QTLALVGPSGAGKSTILRLLFRFYDISSGCIRIDGQDISQVTQASLRSHIGVVPQDTVLFNDTIADNIRYGRVTAGNDEV
EAAAQAAGIHDAIMAFPEGYRTQVGERGLKLSGGEKQRVAIARTILKAPGIILLDEATSALDTSNERAIQASLAKVCANR
TTIVVAHRLSTVVNADQILVIKDGCIVERGRHEALLSRGGVYADMWQLQQGQEETSEDTKPQTMER
;
_entity_poly.pdbx_strand_id   A
#
loop_
_chem_comp.id
_chem_comp.type
_chem_comp.name
_chem_comp.formula
ADP non-polymer ADENOSINE-5'-DIPHOSPHATE 'C10 H15 N5 O10 P2'
BME non-polymer BETA-MERCAPTOETHANOL 'C2 H6 O S'
PO4 non-polymer 'PHOSPHATE ION' 'O4 P -3'
#
# COMPACT_ATOMS: atom_id res chain seq x y z
N LEU A 14 -45.68 17.10 16.13
CA LEU A 14 -45.77 17.46 14.69
C LEU A 14 -44.74 18.53 14.13
N VAL A 15 -45.23 19.71 13.74
CA VAL A 15 -44.58 20.58 12.69
C VAL A 15 -43.12 21.10 12.91
N PRO A 16 -42.13 20.50 12.23
CA PRO A 16 -40.73 20.98 12.34
C PRO A 16 -40.49 22.39 11.76
N ARG A 17 -39.68 23.18 12.48
CA ARG A 17 -39.57 24.61 12.21
C ARG A 17 -38.13 25.10 12.01
N GLY A 18 -38.02 26.39 11.68
CA GLY A 18 -36.75 27.05 11.47
C GLY A 18 -36.12 26.32 10.31
N SER A 19 -34.81 26.13 10.40
CA SER A 19 -34.06 25.39 9.37
C SER A 19 -34.54 23.94 9.19
N HIS A 20 -34.99 23.34 10.30
CA HIS A 20 -35.37 21.92 10.27
C HIS A 20 -36.49 21.65 9.28
N MET A 21 -37.31 22.66 8.96
CA MET A 21 -38.39 22.37 8.02
C MET A 21 -37.83 22.25 6.62
N PHE A 22 -36.58 22.64 6.41
CA PHE A 22 -35.99 22.58 5.07
C PHE A 22 -34.95 21.48 4.99
N ILE A 23 -34.69 20.81 6.09
CA ILE A 23 -33.76 19.68 6.09
C ILE A 23 -34.25 18.52 5.17
N ASP A 24 -33.33 17.98 4.35
CA ASP A 24 -33.64 16.77 3.54
C ASP A 24 -33.23 15.50 4.34
N MET A 25 -34.21 14.68 4.73
CA MET A 25 -33.91 13.47 5.49
CA MET A 25 -33.98 13.45 5.48
C MET A 25 -32.96 12.50 4.82
N GLU A 26 -32.99 12.47 3.50
CA GLU A 26 -32.17 11.58 2.74
C GLU A 26 -30.73 12.03 2.87
N ASN A 27 -30.51 13.35 2.84
CA ASN A 27 -29.21 13.90 3.14
C ASN A 27 -28.72 13.55 4.53
N MET A 28 -29.63 13.52 5.53
CA MET A 28 -29.24 13.21 6.91
C MET A 28 -28.77 11.76 7.00
N PHE A 29 -29.54 10.84 6.40
CA PHE A 29 -29.09 9.43 6.27
C PHE A 29 -27.74 9.28 5.57
N ASP A 30 -27.58 9.98 4.46
CA ASP A 30 -26.30 10.02 3.75
C ASP A 30 -25.14 10.48 4.67
N LEU A 31 -25.37 11.53 5.46
CA LEU A 31 -24.34 12.04 6.37
C LEU A 31 -24.06 11.13 7.54
N LEU A 32 -24.99 10.21 7.86
CA LEU A 32 -24.74 9.22 8.89
C LEU A 32 -23.68 8.16 8.52
N LYS A 33 -23.23 8.09 7.29
CA LYS A 33 -22.28 7.06 6.95
C LYS A 33 -20.89 7.31 7.53
N GLU A 34 -20.29 6.26 8.02
CA GLU A 34 -19.08 6.38 8.83
C GLU A 34 -17.77 6.82 8.17
N GLU A 35 -17.42 6.16 7.07
CA GLU A 35 -16.30 6.66 6.28
C GLU A 35 -16.91 7.75 5.49
N THR A 36 -16.22 8.84 5.59
CA THR A 36 -16.62 10.16 5.32
C THR A 36 -15.51 10.72 4.39
N GLU A 37 -15.49 10.20 3.16
CA GLU A 37 -14.39 10.23 2.22
C GLU A 37 -14.12 11.42 1.32
N VAL A 38 -13.52 11.08 0.21
CA VAL A 38 -12.76 11.95 -0.54
C VAL A 38 -13.38 12.24 -1.84
N LYS A 39 -13.39 13.50 -2.16
CA LYS A 39 -14.05 13.83 -3.40
C LYS A 39 -13.10 14.31 -4.45
N ASP A 40 -13.39 13.88 -5.69
CA ASP A 40 -12.73 14.40 -6.87
C ASP A 40 -13.14 15.84 -7.03
N LEU A 41 -12.16 16.69 -7.33
CA LEU A 41 -12.46 18.09 -7.50
C LEU A 41 -13.10 18.29 -8.88
N PRO A 42 -14.02 19.25 -8.98
CA PRO A 42 -14.74 19.42 -10.24
C PRO A 42 -13.78 19.62 -11.40
N GLY A 43 -14.04 18.91 -12.50
CA GLY A 43 -13.16 18.95 -13.65
C GLY A 43 -11.86 18.18 -13.55
N ALA A 44 -11.56 17.55 -12.40
CA ALA A 44 -10.32 16.77 -12.27
C ALA A 44 -10.17 15.84 -13.43
N GLY A 45 -8.96 15.78 -13.95
CA GLY A 45 -8.63 14.90 -15.04
C GLY A 45 -7.84 13.72 -14.50
N PRO A 46 -7.50 12.79 -15.42
CA PRO A 46 -6.69 11.67 -14.97
C PRO A 46 -5.24 12.10 -14.63
N LEU A 47 -4.67 11.45 -13.62
CA LEU A 47 -3.26 11.53 -13.35
C LEU A 47 -2.47 11.22 -14.62
N ARG A 48 -1.57 12.12 -15.01
CA ARG A 48 -0.67 11.90 -16.14
C ARG A 48 0.54 11.20 -15.60
N PHE A 49 0.47 9.87 -15.56
CA PHE A 49 1.49 9.09 -14.92
C PHE A 49 2.63 8.98 -15.89
N GLN A 50 3.84 9.31 -15.42
CA GLN A 50 5.05 9.22 -16.24
C GLN A 50 5.86 8.06 -15.68
N LYS A 51 6.65 8.23 -14.63
CA LYS A 51 7.36 7.05 -14.12
C LYS A 51 7.23 6.82 -12.62
N GLY A 52 6.35 7.57 -11.98
CA GLY A 52 5.98 7.32 -10.59
C GLY A 52 6.88 7.97 -9.55
N ARG A 53 7.34 9.19 -9.78
CA ARG A 53 8.06 9.91 -8.75
C ARG A 53 7.06 10.37 -7.69
N ILE A 54 7.37 10.13 -6.43
CA ILE A 54 6.47 10.52 -5.38
C ILE A 54 7.10 11.60 -4.54
N GLU A 55 6.31 12.62 -4.19
CA GLU A 55 6.82 13.66 -3.34
C GLU A 55 5.79 14.04 -2.29
N PHE A 56 6.21 14.03 -1.01
CA PHE A 56 5.46 14.62 0.06
C PHE A 56 6.18 15.91 0.34
N GLU A 57 5.46 17.04 0.37
CA GLU A 57 6.05 18.29 0.71
C GLU A 57 5.37 18.87 1.93
N ASN A 58 6.13 18.91 3.03
CA ASN A 58 5.69 19.55 4.25
C ASN A 58 4.28 19.07 4.65
N VAL A 59 4.04 17.77 4.51
CA VAL A 59 2.71 17.26 4.72
C VAL A 59 2.36 17.27 6.23
N HIS A 60 1.18 17.80 6.54
CA HIS A 60 0.57 17.72 7.86
C HIS A 60 -0.75 16.96 7.71
N PHE A 61 -1.08 16.17 8.71
CA PHE A 61 -2.31 15.39 8.69
C PHE A 61 -2.70 15.03 10.10
N SER A 62 -4.01 15.07 10.34
CA SER A 62 -4.64 14.77 11.62
C SER A 62 -5.85 13.90 11.35
N TYR A 63 -5.95 12.79 12.08
CA TYR A 63 -7.20 12.06 12.16
C TYR A 63 -8.22 12.84 12.96
N ALA A 64 -7.83 13.37 14.13
CA ALA A 64 -8.73 14.10 15.06
C ALA A 64 -8.06 15.26 15.84
N ASP A 65 -8.88 15.98 16.62
CA ASP A 65 -8.44 16.97 17.63
C ASP A 65 -7.02 17.56 17.48
N ARG A 67 -3.07 15.13 18.87
CA ARG A 67 -2.11 15.89 18.10
C ARG A 67 -2.17 15.65 16.57
N GLU A 68 -1.18 16.21 15.89
CA GLU A 68 -1.06 15.99 14.49
C GLU A 68 -0.56 14.58 14.36
N THR A 69 -1.15 13.87 13.43
CA THR A 69 -0.72 12.51 13.18
C THR A 69 0.60 12.56 12.40
N LEU A 70 0.67 13.46 11.44
CA LEU A 70 1.84 13.64 10.62
C LEU A 70 2.19 15.10 10.68
N GLN A 71 3.47 15.37 10.88
CA GLN A 71 3.93 16.72 11.10
C GLN A 71 5.09 17.05 10.17
N ASP A 72 4.83 17.90 9.20
CA ASP A 72 5.84 18.43 8.30
C ASP A 72 6.61 17.29 7.64
N VAL A 73 5.93 16.41 6.96
CA VAL A 73 6.60 15.26 6.47
C VAL A 73 6.96 15.54 5.02
N SER A 74 8.27 15.48 4.73
CA SER A 74 8.78 15.71 3.39
C SER A 74 9.70 14.59 2.92
N PHE A 75 9.42 14.09 1.73
CA PHE A 75 10.34 13.10 1.13
C PHE A 75 10.03 12.94 -0.31
N THR A 76 11.00 12.37 -1.01
CA THR A 76 10.82 12.04 -2.40
C THR A 76 11.15 10.59 -2.55
N VAL A 77 10.36 9.93 -3.38
CA VAL A 77 10.74 8.63 -3.91
C VAL A 77 10.86 8.76 -5.43
N MET A 78 12.07 8.58 -5.92
CA MET A 78 12.39 8.64 -7.30
C MET A 78 11.85 7.39 -8.03
N PRO A 79 11.48 7.52 -9.32
CA PRO A 79 10.89 6.42 -10.09
C PRO A 79 11.67 5.15 -9.89
N GLY A 80 10.95 4.12 -9.46
CA GLY A 80 11.54 2.80 -9.36
C GLY A 80 12.36 2.48 -8.12
N GLN A 81 12.52 3.44 -7.22
CA GLN A 81 13.26 3.27 -5.98
C GLN A 81 12.30 2.79 -4.94
N THR A 82 12.86 2.18 -3.89
CA THR A 82 12.06 1.72 -2.74
CA THR A 82 12.05 1.74 -2.75
C THR A 82 12.33 2.58 -1.52
N LEU A 83 11.29 3.05 -0.90
CA LEU A 83 11.47 3.73 0.36
C LEU A 83 10.83 2.87 1.50
N ALA A 84 11.56 2.63 2.57
CA ALA A 84 11.04 1.87 3.70
C ALA A 84 10.72 2.86 4.85
N LEU A 85 9.56 2.72 5.45
CA LEU A 85 9.17 3.49 6.61
C LEU A 85 9.35 2.60 7.81
N VAL A 86 10.06 3.07 8.81
CA VAL A 86 10.24 2.30 10.01
C VAL A 86 10.07 3.23 11.20
N GLY A 87 9.93 2.65 12.36
CA GLY A 87 9.70 3.45 13.56
C GLY A 87 8.78 2.67 14.46
N PRO A 88 8.54 3.16 15.69
CA PRO A 88 7.63 2.48 16.62
C PRO A 88 6.20 2.48 16.11
N SER A 89 5.33 1.63 16.68
CA SER A 89 3.94 1.59 16.29
C SER A 89 3.35 2.95 16.63
N GLY A 90 2.44 3.44 15.79
CA GLY A 90 1.66 4.63 16.14
C GLY A 90 2.36 5.85 15.60
N ALA A 91 3.53 5.66 14.99
CA ALA A 91 4.35 6.76 14.54
C ALA A 91 3.79 7.46 13.31
N GLY A 92 3.10 6.72 12.46
CA GLY A 92 2.44 7.32 11.34
C GLY A 92 2.84 6.67 10.04
N LYS A 93 3.50 5.50 10.12
CA LYS A 93 3.90 4.76 8.89
C LYS A 93 2.75 4.42 7.93
N SER A 94 1.74 3.68 8.43
CA SER A 94 0.64 3.24 7.57
C SER A 94 -0.13 4.43 7.10
N THR A 95 -0.20 5.47 7.92
CA THR A 95 -0.90 6.69 7.55
C THR A 95 -0.30 7.27 6.28
N ILE A 96 1.02 7.26 6.18
CA ILE A 96 1.69 7.70 4.95
C ILE A 96 1.21 6.95 3.69
N LEU A 97 0.99 5.63 3.78
CA LEU A 97 0.54 4.87 2.63
C LEU A 97 -0.86 5.29 2.33
N ARG A 98 -1.63 5.52 3.39
CA ARG A 98 -3.05 5.89 3.25
C ARG A 98 -3.23 7.20 2.54
N LEU A 99 -2.27 8.11 2.79
CA LEU A 99 -2.33 9.46 2.23
C LEU A 99 -1.94 9.44 0.77
N LEU A 100 -0.95 8.65 0.43
CA LEU A 100 -0.58 8.48 -0.99
C LEU A 100 -1.72 7.87 -1.82
N PHE A 101 -2.52 7.00 -1.20
CA PHE A 101 -3.66 6.42 -1.84
C PHE A 101 -4.84 7.42 -1.88
N ARG A 102 -4.68 8.60 -1.25
CA ARG A 102 -5.76 9.53 -0.98
C ARG A 102 -6.94 8.90 -0.29
N PHE A 103 -6.64 8.12 0.73
CA PHE A 103 -7.72 7.58 1.53
C PHE A 103 -8.26 8.71 2.43
N TYR A 104 -7.42 9.70 2.66
CA TYR A 104 -7.78 10.92 3.38
C TYR A 104 -7.11 12.05 2.65
N ASP A 105 -7.69 13.24 2.80
CA ASP A 105 -7.05 14.48 2.36
C ASP A 105 -6.14 14.98 3.46
N ILE A 106 -5.09 15.71 3.07
CA ILE A 106 -4.18 16.33 4.03
C ILE A 106 -4.60 17.75 4.37
N SER A 107 -4.32 18.21 5.58
CA SER A 107 -4.73 19.55 5.95
C SER A 107 -3.74 20.62 5.46
N SER A 108 -2.47 20.26 5.31
CA SER A 108 -1.45 21.20 4.82
C SER A 108 -0.32 20.48 4.09
N GLY A 109 0.51 21.21 3.35
CA GLY A 109 1.55 20.55 2.53
C GLY A 109 0.95 20.00 1.24
N CYS A 110 1.70 19.15 0.52
CA CYS A 110 1.31 18.76 -0.85
C CYS A 110 1.88 17.40 -1.12
N ILE A 111 1.06 16.51 -1.68
CA ILE A 111 1.52 15.21 -2.15
C ILE A 111 1.40 15.20 -3.64
N ARG A 112 2.50 14.91 -4.33
CA ARG A 112 2.50 14.91 -5.81
C ARG A 112 2.99 13.58 -6.33
N ILE A 113 2.42 13.16 -7.46
CA ILE A 113 3.01 12.06 -8.25
C ILE A 113 3.37 12.59 -9.59
N ASP A 114 4.63 12.42 -9.98
CA ASP A 114 5.12 13.06 -11.21
C ASP A 114 4.72 14.53 -11.33
N GLY A 115 4.92 15.30 -10.26
CA GLY A 115 4.68 16.73 -10.37
C GLY A 115 3.23 17.14 -10.18
N GLN A 116 2.34 16.19 -9.93
CA GLN A 116 0.92 16.53 -9.89
C GLN A 116 0.33 16.24 -8.52
N ASP A 117 -0.36 17.24 -8.00
CA ASP A 117 -1.10 17.14 -6.75
C ASP A 117 -2.08 16.00 -6.89
N ILE A 118 -1.94 14.98 -6.05
CA ILE A 118 -2.83 13.85 -6.13
C ILE A 118 -4.25 14.20 -5.74
N SER A 119 -4.46 15.29 -5.01
CA SER A 119 -5.81 15.75 -4.66
C SER A 119 -6.52 16.42 -5.84
N GLN A 120 -5.81 16.62 -6.96
CA GLN A 120 -6.43 17.38 -8.10
C GLN A 120 -6.68 16.54 -9.33
N VAL A 121 -6.35 15.26 -9.25
CA VAL A 121 -6.64 14.30 -10.27
C VAL A 121 -7.78 13.40 -9.77
N THR A 122 -8.41 12.66 -10.68
CA THR A 122 -9.41 11.66 -10.28
C THR A 122 -8.79 10.57 -9.37
N GLN A 123 -9.48 10.24 -8.29
CA GLN A 123 -9.03 9.17 -7.38
C GLN A 123 -8.89 7.83 -8.10
N ALA A 124 -9.82 7.52 -9.00
CA ALA A 124 -9.75 6.30 -9.79
C ALA A 124 -8.47 6.26 -10.64
N SER A 125 -8.08 7.38 -11.26
CA SER A 125 -6.85 7.35 -12.06
C SER A 125 -5.62 7.17 -11.17
N LEU A 126 -5.57 7.98 -10.10
CA LEU A 126 -4.57 7.81 -9.06
C LEU A 126 -4.41 6.33 -8.68
N ARG A 127 -5.50 5.69 -8.26
CA ARG A 127 -5.35 4.38 -7.71
C ARG A 127 -5.07 3.32 -8.77
N SER A 128 -5.50 3.60 -9.99
CA SER A 128 -5.22 2.67 -11.09
C SER A 128 -3.68 2.54 -11.22
N HIS A 129 -2.95 3.56 -10.77
CA HIS A 129 -1.50 3.52 -10.82
C HIS A 129 -0.81 2.97 -9.58
N ILE A 130 -1.61 2.55 -8.60
CA ILE A 130 -1.01 2.14 -7.32
C ILE A 130 -1.41 0.71 -7.00
N GLY A 131 -0.44 -0.13 -6.74
CA GLY A 131 -0.71 -1.51 -6.32
C GLY A 131 -0.58 -1.56 -4.82
N VAL A 132 -1.64 -1.91 -4.11
CA VAL A 132 -1.55 -1.99 -2.65
C VAL A 132 -1.33 -3.46 -2.24
N VAL A 133 -0.24 -3.76 -1.53
CA VAL A 133 -0.07 -5.12 -1.02
C VAL A 133 -0.28 -5.00 0.50
N PRO A 134 -1.48 -5.36 0.95
CA PRO A 134 -1.84 -5.18 2.34
C PRO A 134 -1.12 -6.22 3.20
N GLN A 135 -1.14 -6.03 4.51
CA GLN A 135 -0.59 -7.03 5.41
C GLN A 135 -1.13 -8.39 5.17
N ASP A 136 -2.46 -8.52 5.14
CA ASP A 136 -3.09 -9.81 4.85
C ASP A 136 -4.11 -9.75 3.71
N THR A 137 -4.23 -10.87 3.03
CA THR A 137 -4.86 -10.96 1.73
C THR A 137 -6.33 -11.33 1.87
N VAL A 138 -7.18 -10.54 1.25
CA VAL A 138 -8.60 -10.88 1.16
C VAL A 138 -8.80 -11.90 0.05
N LEU A 139 -9.36 -13.05 0.41
CA LEU A 139 -9.75 -14.01 -0.60
C LEU A 139 -11.26 -14.00 -0.77
N PHE A 140 -11.67 -13.99 -2.02
CA PHE A 140 -13.06 -13.93 -2.36
C PHE A 140 -13.54 -15.32 -2.61
N ASN A 141 -14.78 -15.56 -2.23
CA ASN A 141 -15.45 -16.80 -2.57
C ASN A 141 -15.67 -16.80 -4.07
N ASP A 142 -14.72 -17.42 -4.74
CA ASP A 142 -14.55 -17.28 -6.16
C ASP A 142 -13.41 -18.21 -6.54
N THR A 143 -13.18 -18.38 -7.84
CA THR A 143 -12.13 -19.26 -8.29
C THR A 143 -10.79 -18.62 -8.05
N ILE A 144 -9.74 -19.42 -8.10
CA ILE A 144 -8.43 -18.86 -7.93
C ILE A 144 -8.12 -17.83 -9.05
N ALA A 145 -8.53 -18.15 -10.28
CA ALA A 145 -8.39 -17.22 -11.41
C ALA A 145 -9.06 -15.85 -11.13
N ASP A 146 -10.33 -15.85 -10.78
CA ASP A 146 -11.03 -14.59 -10.52
C ASP A 146 -10.48 -13.85 -9.30
N ASN A 147 -9.99 -14.60 -8.33
CA ASN A 147 -9.27 -13.98 -7.20
C ASN A 147 -8.05 -13.18 -7.62
N ILE A 148 -7.28 -13.73 -8.54
CA ILE A 148 -6.19 -12.99 -9.12
C ILE A 148 -6.63 -11.84 -10.01
N ARG A 149 -7.63 -12.09 -10.86
CA ARG A 149 -8.17 -11.13 -11.78
C ARG A 149 -8.77 -9.95 -11.01
N TYR A 150 -9.07 -10.13 -9.73
CA TYR A 150 -9.47 -8.99 -8.88
C TYR A 150 -8.52 -7.80 -9.07
N GLY A 151 -7.26 -8.07 -9.43
CA GLY A 151 -6.24 -7.02 -9.66
C GLY A 151 -6.42 -6.20 -10.93
N ARG A 152 -7.00 -6.82 -11.96
CA ARG A 152 -7.38 -6.10 -13.16
C ARG A 152 -8.48 -6.90 -13.87
N VAL A 153 -9.71 -6.55 -13.54
CA VAL A 153 -10.90 -7.36 -13.83
C VAL A 153 -11.22 -7.53 -15.30
N THR A 154 -10.62 -6.70 -16.14
CA THR A 154 -10.68 -6.84 -17.61
C THR A 154 -9.62 -7.81 -18.22
N ALA A 155 -8.74 -8.36 -17.39
CA ALA A 155 -7.60 -9.14 -17.91
C ALA A 155 -7.94 -10.55 -18.39
N GLY A 156 -7.27 -10.92 -19.49
CA GLY A 156 -7.46 -12.22 -20.09
C GLY A 156 -6.95 -13.27 -19.16
N ASN A 157 -7.50 -14.47 -19.27
CA ASN A 157 -6.97 -15.69 -18.64
C ASN A 157 -5.46 -15.87 -18.85
N ASP A 158 -5.01 -15.60 -20.09
CA ASP A 158 -3.58 -15.58 -20.40
C ASP A 158 -2.83 -14.64 -19.46
N GLU A 159 -3.34 -13.43 -19.25
CA GLU A 159 -2.64 -12.49 -18.37
C GLU A 159 -2.68 -12.92 -16.89
N VAL A 160 -3.78 -13.56 -16.49
CA VAL A 160 -3.91 -14.06 -15.12
C VAL A 160 -2.85 -15.15 -14.86
N GLU A 161 -2.65 -16.03 -15.85
CA GLU A 161 -1.67 -17.10 -15.78
C GLU A 161 -0.25 -16.56 -15.64
N ALA A 162 0.01 -15.52 -16.43
CA ALA A 162 1.29 -14.89 -16.51
C ALA A 162 1.65 -14.25 -15.17
N ALA A 163 0.67 -13.63 -14.52
CA ALA A 163 0.85 -12.96 -13.22
C ALA A 163 1.09 -14.03 -12.18
N ALA A 164 0.33 -15.11 -12.29
CA ALA A 164 0.50 -16.23 -11.36
C ALA A 164 1.85 -16.93 -11.57
N GLN A 165 2.29 -17.02 -12.82
CA GLN A 165 3.59 -17.57 -13.13
C GLN A 165 4.65 -16.70 -12.47
N ALA A 166 4.55 -15.38 -12.65
CA ALA A 166 5.48 -14.42 -12.07
C ALA A 166 5.47 -14.41 -10.56
N ALA A 167 4.30 -14.66 -9.96
CA ALA A 167 4.09 -14.67 -8.52
C ALA A 167 4.50 -16.03 -7.91
N GLY A 168 4.77 -17.03 -8.75
CA GLY A 168 5.33 -18.31 -8.30
C GLY A 168 4.19 -19.16 -7.78
N ILE A 169 2.97 -18.82 -8.19
CA ILE A 169 1.82 -19.59 -7.69
C ILE A 169 1.21 -20.53 -8.73
N HIS A 170 1.61 -20.31 -9.98
CA HIS A 170 1.10 -21.13 -11.07
C HIS A 170 1.18 -22.64 -10.82
N ASP A 171 2.33 -23.12 -10.37
CA ASP A 171 2.52 -24.55 -10.17
C ASP A 171 1.63 -25.18 -9.10
N ALA A 172 1.47 -24.48 -7.97
CA ALA A 172 0.53 -24.93 -6.96
C ALA A 172 -0.89 -24.90 -7.49
N ILE A 173 -1.24 -23.93 -8.34
CA ILE A 173 -2.59 -23.88 -8.90
C ILE A 173 -2.81 -25.07 -9.81
N MET A 174 -1.78 -25.44 -10.56
CA MET A 174 -1.93 -26.56 -11.50
C MET A 174 -2.16 -27.86 -10.78
N ALA A 175 -1.69 -27.94 -9.53
CA ALA A 175 -1.93 -29.15 -8.72
C ALA A 175 -3.26 -29.12 -7.96
N PHE A 176 -4.04 -28.04 -8.08
CA PHE A 176 -5.39 -27.97 -7.46
C PHE A 176 -6.29 -28.74 -8.36
N PRO A 177 -7.39 -29.32 -7.82
CA PRO A 177 -8.17 -30.27 -8.63
C PRO A 177 -8.74 -29.62 -9.90
N GLU A 178 -9.18 -28.36 -9.82
CA GLU A 178 -9.70 -27.68 -11.00
C GLU A 178 -8.74 -26.63 -11.57
N GLY A 179 -7.43 -26.81 -11.37
CA GLY A 179 -6.46 -25.80 -11.78
C GLY A 179 -6.95 -24.41 -11.40
N TYR A 180 -7.03 -23.53 -12.41
CA TYR A 180 -7.42 -22.14 -12.24
C TYR A 180 -8.89 -21.96 -11.98
N ARG A 181 -9.65 -23.04 -12.10
CA ARG A 181 -11.07 -23.05 -11.83
C ARG A 181 -11.37 -23.40 -10.40
N THR A 182 -10.36 -23.75 -9.62
CA THR A 182 -10.59 -24.17 -8.24
C THR A 182 -11.22 -23.07 -7.40
N GLN A 183 -12.41 -23.35 -6.88
CA GLN A 183 -13.08 -22.45 -5.95
C GLN A 183 -12.19 -22.29 -4.75
N VAL A 184 -11.82 -21.06 -4.43
CA VAL A 184 -11.13 -20.79 -3.18
C VAL A 184 -12.00 -19.94 -2.25
N GLY A 185 -11.41 -19.44 -1.18
CA GLY A 185 -12.17 -18.75 -0.13
C GLY A 185 -12.57 -19.68 0.98
N GLU A 186 -13.57 -19.25 1.75
CA GLU A 186 -14.08 -20.01 2.89
C GLU A 186 -14.94 -21.17 2.40
N ARG A 187 -15.61 -20.94 1.27
CA ARG A 187 -16.47 -21.96 0.64
C ARG A 187 -15.60 -23.04 0.00
N GLY A 188 -14.43 -22.63 -0.49
CA GLY A 188 -13.61 -23.45 -1.37
C GLY A 188 -12.43 -24.16 -0.74
N LEU A 189 -11.47 -24.52 -1.60
CA LEU A 189 -10.18 -25.10 -1.21
C LEU A 189 -9.40 -24.05 -0.41
N LYS A 190 -8.93 -24.47 0.77
CA LYS A 190 -8.05 -23.66 1.63
C LYS A 190 -6.66 -23.53 1.01
N LEU A 191 -6.25 -22.30 0.78
CA LEU A 191 -4.90 -22.03 0.37
C LEU A 191 -4.01 -21.97 1.59
N SER A 192 -2.77 -22.41 1.44
CA SER A 192 -1.73 -22.21 2.45
C SER A 192 -1.50 -20.72 2.69
N GLY A 193 -0.84 -20.40 3.81
CA GLY A 193 -0.30 -19.06 4.04
C GLY A 193 0.53 -18.54 2.87
N GLY A 194 1.42 -19.38 2.35
CA GLY A 194 2.24 -18.97 1.20
C GLY A 194 1.39 -18.73 -0.02
N GLU A 195 0.36 -19.57 -0.20
CA GLU A 195 -0.42 -19.43 -1.42
C GLU A 195 -1.22 -18.14 -1.39
N LYS A 196 -1.85 -17.86 -0.25
CA LYS A 196 -2.63 -16.65 -0.05
C LYS A 196 -1.82 -15.38 -0.36
N GLN A 197 -0.62 -15.28 0.19
CA GLN A 197 0.18 -14.09 -0.06
C GLN A 197 0.55 -13.95 -1.53
N ARG A 198 0.85 -15.08 -2.18
CA ARG A 198 1.18 -15.06 -3.60
C ARG A 198 0.01 -14.63 -4.46
N VAL A 199 -1.20 -14.94 -4.04
CA VAL A 199 -2.36 -14.44 -4.77
C VAL A 199 -2.37 -12.88 -4.76
N ALA A 200 -2.07 -12.27 -3.62
CA ALA A 200 -1.98 -10.80 -3.53
C ALA A 200 -0.91 -10.27 -4.44
N ILE A 201 0.17 -11.02 -4.57
CA ILE A 201 1.29 -10.63 -5.39
C ILE A 201 0.91 -10.71 -6.84
N ALA A 202 0.26 -11.81 -7.22
CA ALA A 202 -0.25 -12.01 -8.56
C ALA A 202 -1.25 -10.93 -9.00
N ARG A 203 -2.09 -10.48 -8.06
CA ARG A 203 -3.12 -9.48 -8.35
C ARG A 203 -2.41 -8.17 -8.69
N THR A 204 -1.31 -7.92 -7.97
CA THR A 204 -0.51 -6.73 -8.14
C THR A 204 0.28 -6.76 -9.43
N ILE A 205 0.89 -7.91 -9.73
CA ILE A 205 1.54 -8.11 -11.02
C ILE A 205 0.56 -7.89 -12.14
N LEU A 206 -0.64 -8.47 -12.01
CA LEU A 206 -1.68 -8.38 -13.03
C LEU A 206 -2.07 -6.93 -13.26
N LYS A 207 -2.30 -6.21 -12.16
CA LYS A 207 -2.57 -4.78 -12.23
C LYS A 207 -1.40 -3.95 -12.82
N ALA A 208 -0.17 -4.43 -12.64
CA ALA A 208 0.99 -3.77 -13.24
C ALA A 208 1.01 -2.27 -13.01
N PRO A 209 0.92 -1.83 -11.74
CA PRO A 209 0.96 -0.41 -11.45
C PRO A 209 2.40 0.12 -11.42
N GLY A 210 2.57 1.43 -11.41
CA GLY A 210 3.90 2.03 -11.42
C GLY A 210 4.37 2.30 -10.01
N ILE A 211 3.44 2.18 -9.06
CA ILE A 211 3.75 2.44 -7.69
C ILE A 211 3.21 1.29 -6.85
N ILE A 212 4.00 0.84 -5.88
CA ILE A 212 3.55 -0.17 -4.90
C ILE A 212 3.61 0.39 -3.47
N LEU A 213 2.50 0.25 -2.76
CA LEU A 213 2.40 0.56 -1.31
C LEU A 213 2.32 -0.78 -0.63
N LEU A 214 3.36 -1.14 0.12
CA LEU A 214 3.49 -2.45 0.73
C LEU A 214 3.47 -2.28 2.26
N ASP A 215 2.57 -2.99 2.89
CA ASP A 215 2.50 -2.99 4.32
C ASP A 215 2.82 -4.42 4.71
N GLU A 216 4.06 -4.64 5.15
CA GLU A 216 4.51 -6.00 5.50
C GLU A 216 3.74 -6.55 6.69
N ALA A 217 3.42 -7.83 6.59
CA ALA A 217 2.80 -8.59 7.66
C ALA A 217 3.72 -8.60 8.87
N THR A 218 3.10 -8.51 10.04
CA THR A 218 3.83 -8.71 11.29
C THR A 218 3.62 -10.19 11.76
N SER A 219 3.22 -11.08 10.86
CA SER A 219 3.44 -12.52 11.12
C SER A 219 4.42 -13.00 10.04
N ALA A 220 4.99 -14.19 10.19
CA ALA A 220 5.93 -14.78 9.22
C ALA A 220 5.64 -16.27 9.09
N LEU A 221 5.93 -16.86 7.92
CA LEU A 221 5.79 -18.32 7.69
C LEU A 221 7.14 -18.91 8.01
N ASP A 222 7.37 -20.19 7.68
CA ASP A 222 8.66 -20.84 7.92
C ASP A 222 9.72 -20.24 7.03
N THR A 223 10.98 -20.56 7.33
CA THR A 223 12.12 -19.92 6.65
C THR A 223 11.97 -19.98 5.12
N SER A 224 11.69 -21.17 4.63
CA SER A 224 11.62 -21.47 3.20
C SER A 224 10.57 -20.61 2.48
N ASN A 225 9.33 -20.64 2.98
CA ASN A 225 8.27 -19.76 2.47
C ASN A 225 8.55 -18.29 2.63
N GLU A 226 9.04 -17.87 3.79
CA GLU A 226 9.37 -16.45 3.96
C GLU A 226 10.33 -16.00 2.91
N ARG A 227 11.41 -16.74 2.74
CA ARG A 227 12.42 -16.42 1.72
C ARG A 227 11.86 -16.39 0.31
N ALA A 228 11.11 -17.41 -0.09
CA ALA A 228 10.40 -17.44 -1.38
C ALA A 228 9.43 -16.27 -1.56
N ILE A 229 8.58 -16.05 -0.56
CA ILE A 229 7.63 -14.90 -0.58
C ILE A 229 8.39 -13.60 -0.72
N GLN A 230 9.46 -13.46 0.07
CA GLN A 230 10.22 -12.21 0.03
C GLN A 230 10.88 -12.00 -1.29
N ALA A 231 11.39 -13.08 -1.90
CA ALA A 231 11.91 -13.02 -3.27
C ALA A 231 10.84 -12.54 -4.27
N SER A 232 9.67 -13.18 -4.25
CA SER A 232 8.54 -12.78 -5.10
CA SER A 232 8.56 -12.78 -5.11
C SER A 232 8.13 -11.32 -4.93
N LEU A 233 8.25 -10.79 -3.70
CA LEU A 233 7.90 -9.37 -3.45
C LEU A 233 8.90 -8.38 -4.03
N ALA A 234 10.17 -8.71 -3.80
CA ALA A 234 11.27 -7.97 -4.38
C ALA A 234 11.11 -7.91 -5.87
N LYS A 235 10.61 -8.99 -6.46
CA LYS A 235 10.37 -9.06 -7.89
C LYS A 235 9.37 -8.04 -8.31
N VAL A 236 8.20 -8.03 -7.69
CA VAL A 236 7.11 -7.10 -8.06
C VAL A 236 7.48 -5.62 -7.85
N CYS A 237 8.34 -5.35 -6.87
CA CYS A 237 8.75 -3.99 -6.57
C CYS A 237 9.91 -3.47 -7.40
N ALA A 238 10.70 -4.35 -8.02
N ALA A 238 10.44 -4.38 -8.22
CA ALA A 238 12.11 -3.97 -8.29
CA ALA A 238 11.48 -4.05 -9.19
C ALA A 238 12.33 -2.73 -9.19
C ALA A 238 10.91 -3.18 -10.28
N ASN A 239 11.38 -2.47 -10.09
N ASN A 239 11.63 -2.10 -10.54
CA ASN A 239 11.45 -1.32 -10.99
CA ASN A 239 11.20 -1.16 -11.53
C ASN A 239 10.25 -0.40 -10.96
C ASN A 239 9.83 -0.57 -11.17
N ARG A 240 9.50 -0.54 -9.88
CA ARG A 240 8.34 0.24 -9.50
C ARG A 240 8.75 1.08 -8.29
N THR A 241 8.18 2.28 -8.20
CA THR A 241 8.36 3.14 -7.04
C THR A 241 7.56 2.56 -5.85
N THR A 242 8.23 2.31 -4.74
CA THR A 242 7.64 1.49 -3.68
C THR A 242 7.80 2.19 -2.38
N ILE A 243 6.73 2.18 -1.60
CA ILE A 243 6.83 2.61 -0.23
C ILE A 243 6.35 1.46 0.59
N VAL A 244 7.23 1.00 1.50
CA VAL A 244 6.93 -0.18 2.28
C VAL A 244 6.93 0.21 3.76
N VAL A 245 5.89 -0.16 4.50
CA VAL A 245 5.97 -0.08 5.97
C VAL A 245 6.70 -1.37 6.33
N ALA A 246 7.98 -1.26 6.63
CA ALA A 246 8.88 -2.42 6.77
C ALA A 246 8.83 -3.11 8.12
N HIS A 247 8.65 -4.42 8.12
CA HIS A 247 8.86 -5.11 9.35
C HIS A 247 10.10 -5.97 9.31
N ARG A 248 10.49 -6.41 8.09
CA ARG A 248 11.58 -7.37 7.97
C ARG A 248 12.85 -6.60 7.84
N LEU A 249 13.87 -7.05 8.56
CA LEU A 249 15.18 -6.44 8.43
C LEU A 249 15.72 -6.46 6.98
N SER A 250 15.56 -7.55 6.25
CA SER A 250 16.10 -7.60 4.88
C SER A 250 15.46 -6.48 4.03
N THR A 251 14.20 -6.12 4.29
CA THR A 251 13.57 -5.04 3.51
C THR A 251 14.32 -3.72 3.67
N VAL A 252 14.70 -3.41 4.92
CA VAL A 252 15.32 -2.14 5.26
C VAL A 252 16.73 -2.09 4.74
N VAL A 253 17.45 -3.22 4.85
CA VAL A 253 18.84 -3.32 4.49
C VAL A 253 19.01 -2.99 3.02
N ASN A 254 18.04 -3.42 2.23
CA ASN A 254 18.11 -3.39 0.79
C ASN A 254 17.26 -2.22 0.22
N ALA A 255 16.61 -1.43 1.08
CA ALA A 255 15.85 -0.30 0.60
C ALA A 255 16.76 0.79 0.05
N ASP A 256 16.28 1.57 -0.92
CA ASP A 256 17.07 2.72 -1.42
C ASP A 256 17.04 3.85 -0.43
N GLN A 257 16.00 3.92 0.39
CA GLN A 257 15.97 4.91 1.45
C GLN A 257 15.06 4.45 2.54
N ILE A 258 15.41 4.87 3.74
CA ILE A 258 14.67 4.58 4.92
C ILE A 258 14.32 5.89 5.59
N LEU A 259 13.07 6.05 6.01
CA LEU A 259 12.66 7.18 6.86
C LEU A 259 12.32 6.56 8.18
N VAL A 260 12.91 7.13 9.24
CA VAL A 260 12.60 6.74 10.60
C VAL A 260 11.59 7.74 11.12
N ILE A 261 10.40 7.24 11.42
CA ILE A 261 9.27 8.07 11.84
C ILE A 261 9.06 7.85 13.29
N LYS A 262 8.80 8.96 13.99
CA LYS A 262 8.51 8.92 15.42
C LYS A 262 7.50 10.04 15.65
N ASP A 263 6.34 9.67 16.17
CA ASP A 263 5.36 10.70 16.56
C ASP A 263 5.03 11.61 15.37
N GLY A 264 4.91 11.05 14.18
CA GLY A 264 4.54 11.89 13.07
C GLY A 264 5.67 12.64 12.36
N CYS A 265 6.90 12.53 12.88
CA CYS A 265 8.03 13.29 12.36
CA CYS A 265 8.08 13.31 12.43
C CYS A 265 9.12 12.37 11.82
N ILE A 266 9.74 12.76 10.71
CA ILE A 266 10.83 11.95 10.17
C ILE A 266 12.02 12.42 10.94
N VAL A 267 12.47 11.60 11.89
CA VAL A 267 13.59 11.98 12.75
C VAL A 267 14.95 11.75 12.12
N GLU A 268 15.02 10.82 11.18
CA GLU A 268 16.29 10.58 10.52
C GLU A 268 16.04 9.78 9.24
N ARG A 269 16.97 9.81 8.29
CA ARG A 269 16.73 9.10 7.04
C ARG A 269 18.02 8.83 6.33
N GLY A 270 18.02 7.81 5.48
CA GLY A 270 19.18 7.51 4.63
C GLY A 270 19.10 6.03 4.31
N ARG A 271 20.00 5.54 3.49
CA ARG A 271 20.19 4.08 3.33
C ARG A 271 20.63 3.44 4.64
N HIS A 272 20.43 2.13 4.73
CA HIS A 272 20.84 1.34 5.91
C HIS A 272 22.28 1.61 6.44
N GLU A 273 23.29 1.52 5.57
CA GLU A 273 24.65 1.58 6.08
C GLU A 273 24.86 3.01 6.65
N ALA A 274 24.25 4.00 5.99
CA ALA A 274 24.46 5.40 6.40
C ALA A 274 23.71 5.67 7.72
N LEU A 275 22.56 5.05 7.92
CA LEU A 275 21.86 5.22 9.21
C LEU A 275 22.55 4.52 10.37
N LEU A 276 23.20 3.39 10.08
CA LEU A 276 24.02 2.72 11.06
C LEU A 276 25.17 3.64 11.38
N SER A 277 25.82 4.18 10.35
CA SER A 277 27.05 4.88 10.67
C SER A 277 26.73 6.22 11.39
N ARG A 278 25.51 6.71 11.23
CA ARG A 278 24.98 7.91 11.93
C ARG A 278 24.92 7.70 13.46
N GLY A 279 24.68 6.48 13.90
CA GLY A 279 24.74 6.15 15.33
C GLY A 279 23.60 6.83 16.08
N GLY A 280 22.45 7.00 15.43
CA GLY A 280 21.30 7.61 16.06
C GLY A 280 20.28 6.56 16.45
N VAL A 281 19.04 6.87 16.16
CA VAL A 281 17.93 6.06 16.60
C VAL A 281 17.85 4.72 15.82
N TYR A 282 17.99 4.78 14.50
CA TYR A 282 18.01 3.55 13.70
C TYR A 282 19.17 2.66 14.16
N ALA A 283 20.34 3.25 14.42
CA ALA A 283 21.51 2.47 14.89
C ALA A 283 21.15 1.81 16.21
N ASP A 284 20.44 2.54 17.10
CA ASP A 284 20.01 1.94 18.39
C ASP A 284 19.14 0.70 18.17
N MET A 285 18.19 0.81 17.26
CA MET A 285 17.33 -0.35 16.88
C MET A 285 18.16 -1.55 16.33
N TRP A 286 19.07 -1.23 15.42
CA TRP A 286 19.83 -2.26 14.75
C TRP A 286 20.70 -2.94 15.78
N GLN A 287 21.26 -2.15 16.69
CA GLN A 287 22.09 -2.69 17.79
C GLN A 287 21.29 -3.59 18.70
N LEU A 288 20.05 -3.20 18.96
CA LEU A 288 19.16 -3.97 19.83
C LEU A 288 18.80 -5.32 19.20
N GLN A 289 18.40 -5.30 17.92
CA GLN A 289 18.12 -6.55 17.19
C GLN A 289 19.36 -7.45 17.04
N GLN A 290 20.53 -6.84 16.87
CA GLN A 290 21.80 -7.57 16.73
C GLN A 290 22.11 -8.42 17.93
N GLY A 291 22.04 -7.81 19.10
CA GLY A 291 22.22 -8.52 20.36
C GLY A 291 23.63 -9.01 20.69
N GLN A 292 24.63 -8.19 20.40
CA GLN A 292 26.01 -8.43 20.90
C GLN A 292 26.07 -8.86 22.37
PB ADP B . 2.00 3.00 12.35
O1B ADP B . 1.93 2.10 13.50
O2B ADP B . 3.30 3.77 12.46
O3B ADP B . 1.72 2.49 10.94
PA ADP B . -0.43 4.55 11.93
O1A ADP B . -1.14 3.26 11.76
O2A ADP B . -0.19 5.53 10.81
O3A ADP B . 0.95 4.18 12.69
O5' ADP B . -1.04 5.42 13.14
C5' ADP B . -0.55 6.73 13.42
C4' ADP B . -1.40 7.29 14.55
O4' ADP B . -2.70 7.55 14.03
C3' ADP B . -1.55 6.24 15.62
O3' ADP B . -1.58 6.88 16.87
C2' ADP B . -2.94 5.70 15.46
O2' ADP B . -3.48 5.45 16.74
C1' ADP B . -3.66 6.88 14.85
N9 ADP B . -4.71 6.39 13.96
C8 ADP B . -4.53 5.47 13.02
N7 ADP B . -5.67 5.24 12.36
C5 ADP B . -6.57 6.04 12.91
C6 ADP B . -8.00 6.26 12.66
N6 ADP B . -8.56 5.54 11.65
N1 ADP B . -8.63 7.18 13.42
C2 ADP B . -8.01 7.87 14.40
N3 ADP B . -6.71 7.72 14.69
C4 ADP B . -5.97 6.80 13.99
C1 BME C . -2.42 0.79 2.11
C2 BME C . -3.04 2.15 1.87
O1 BME C . -2.50 0.51 3.49
S2 BME C . -4.68 1.78 1.25
P PO4 D . 10.61 -4.86 -1.28
O1 PO4 D . 11.15 -4.94 -2.70
O2 PO4 D . 9.14 -4.52 -1.35
O3 PO4 D . 10.81 -6.18 -0.56
O4 PO4 D . 11.27 -3.72 -0.53
#